data_7FO7
#
_entry.id   7FO7
#
_cell.length_a   88.499
_cell.length_b   81.977
_cell.length_c   93.402
_cell.angle_alpha   90
_cell.angle_beta   108.08
_cell.angle_gamma   90
#
_symmetry.space_group_name_H-M   'C 1 2 1'
#
loop_
_entity.id
_entity.type
_entity.pdbx_description
1 polymer 'Pre-mRNA-splicing factor 8'
2 polymer 'A1 cistron-splicing factor AAR2'
3 non-polymer (3R)-N-cyclohexylpiperidine-3-carboxamide
4 water water
#
loop_
_entity_poly.entity_id
_entity_poly.type
_entity_poly.pdbx_seq_one_letter_code
_entity_poly.pdbx_strand_id
1 'polypeptide(L)'
;GAMNSSNYAELFNNDIKLFVDDTNVYRVTVHKTFEGNVATKAINGCIFTLNPKTGHLFLKIIHTSVWAGQKRLSQLAKWK
TAEEVSALVRSLPKEEQPKQIIVTRKAMLDPLEVHMLDFPNIAIRPTELRLPFSAAMSIDKLSDVVMKATEPQMVLFNIY
DDWLDRISSYTAFSRLTLLLRALKTNEESAKMILLSDPTITIKSYHLWPSFTDEQWITIESQMRDLILTEYGRKYNVNIS
ALTQTEIKDIILGQNIKA
;
A
2 'polypeptide(L)'
;GAMAMNTVPFTSAPIEVTIGIDQYSFNVKENQPFHGIKDIPIGHVHVIHFQHADNSSMRYGYWFDCRMGNFYIQYDPKDG
LYKMMEERDGAKFENIVHNFKERQMMVSYPKIDEDDTWYNLTEFVQMDKIRKIVRKDENQFSYVDSSMTTVQENELSSSS
SDPAHSLNYTVINFKSREAIRPGHEMEDFLDKSYYLNTVMLQGIFKNSSNYFGELQFAFLNAMFFGNYGSSLQWHAMIEL
ICSSATVPKHMLDKLDEILYYQIKTLPEQYSDILLNERVWNICLYSSFQKNSLHNTEKIMENKYPELL
;
B
#
loop_
_chem_comp.id
_chem_comp.type
_chem_comp.name
_chem_comp.formula
VX5 non-polymer (3R)-N-cyclohexylpiperidine-3-carboxamide 'C12 H22 N2 O'
#
# COMPACT_ATOMS: atom_id res chain seq x y z
N GLY A 1 -10.66 11.94 3.55
CA GLY A 1 -9.67 11.63 4.57
C GLY A 1 -10.27 11.42 5.95
N ALA A 2 -9.52 11.77 7.00
CA ALA A 2 -9.92 11.46 8.36
C ALA A 2 -11.01 12.41 8.85
N MET A 3 -11.76 11.93 9.82
CA MET A 3 -12.91 12.63 10.39
C MET A 3 -12.50 13.19 11.75
N ASN A 4 -12.68 14.50 11.95
CA ASN A 4 -12.21 15.15 13.16
C ASN A 4 -13.20 16.24 13.57
N SER A 5 -12.78 17.09 14.52
CA SER A 5 -13.64 18.15 15.04
C SER A 5 -13.94 19.23 14.00
N SER A 6 -13.12 19.35 12.96
CA SER A 6 -13.32 20.39 11.97
C SER A 6 -14.51 20.06 11.07
N ASN A 7 -14.70 18.79 10.73
CA ASN A 7 -15.78 18.36 9.86
C ASN A 7 -16.78 17.52 10.63
N TYR A 8 -17.24 18.02 11.78
CA TYR A 8 -18.05 17.23 12.69
C TYR A 8 -19.53 17.23 12.29
N ALA A 9 -20.03 18.35 11.77
CA ALA A 9 -21.40 18.39 11.30
C ALA A 9 -21.63 17.53 10.07
N GLU A 10 -20.57 17.07 9.42
CA GLU A 10 -20.74 16.17 8.29
C GLU A 10 -21.46 14.90 8.71
N LEU A 11 -21.31 14.51 9.97
CA LEU A 11 -21.98 13.31 10.46
C LEU A 11 -23.50 13.39 10.30
N PHE A 12 -24.06 14.60 10.28
CA PHE A 12 -25.51 14.78 10.34
C PHE A 12 -26.10 15.32 9.05
N ASN A 13 -25.32 15.30 7.98
CA ASN A 13 -25.86 15.67 6.67
C ASN A 13 -26.64 14.49 6.12
N ASN A 14 -27.04 14.60 4.86
CA ASN A 14 -27.96 13.64 4.26
C ASN A 14 -27.29 12.59 3.39
N ASP A 15 -25.95 12.45 3.49
CA ASP A 15 -25.20 11.36 2.88
C ASP A 15 -25.18 10.20 3.89
N ILE A 16 -25.71 9.05 3.51
CA ILE A 16 -25.75 7.94 4.44
C ILE A 16 -24.34 7.55 4.84
N LYS A 17 -24.10 7.40 6.15
CA LYS A 17 -22.82 6.96 6.63
C LYS A 17 -23.00 6.07 7.85
N LEU A 18 -22.01 5.23 8.08
CA LEU A 18 -21.98 4.31 9.23
C LEU A 18 -20.64 4.43 9.94
N PHE A 19 -20.69 4.48 11.26
CA PHE A 19 -19.53 4.21 12.08
C PHE A 19 -19.44 2.71 12.28
N VAL A 20 -18.22 2.18 12.25
CA VAL A 20 -17.94 0.79 12.62
C VAL A 20 -16.94 0.77 13.75
N ASP A 21 -17.31 0.17 14.87
CA ASP A 21 -16.42 -0.04 16.00
C ASP A 21 -16.27 -1.54 16.20
N ASP A 22 -15.03 -1.97 16.27
CA ASP A 22 -14.67 -3.38 16.42
C ASP A 22 -14.12 -3.74 17.80
N THR A 23 -14.18 -2.82 18.75
N THR A 23 -14.21 -2.87 18.79
CA THR A 23 -13.55 -3.04 20.05
CA THR A 23 -13.50 -3.10 20.06
C THR A 23 -14.06 -4.33 20.66
C THR A 23 -14.15 -4.17 20.92
N ASN A 24 -15.38 -4.55 20.61
CA ASN A 24 -16.03 -5.61 21.36
C ASN A 24 -16.23 -6.88 20.53
N VAL A 25 -15.52 -7.04 19.44
CA VAL A 25 -15.70 -8.22 18.59
C VAL A 25 -15.08 -9.45 19.23
N TYR A 26 -13.79 -9.35 19.59
CA TYR A 26 -13.02 -10.43 20.22
C TYR A 26 -12.85 -10.07 21.68
N ARG A 27 -13.57 -10.80 22.55
CA ARG A 27 -13.57 -10.55 23.98
C ARG A 27 -13.15 -11.81 24.71
N VAL A 28 -12.29 -11.65 25.71
CA VAL A 28 -11.80 -12.79 26.47
C VAL A 28 -11.78 -12.49 27.97
N THR A 29 -11.81 -13.56 28.75
CA THR A 29 -11.38 -13.56 30.14
C THR A 29 -10.03 -14.28 30.21
N VAL A 30 -9.11 -13.73 31.00
CA VAL A 30 -7.78 -14.31 31.18
C VAL A 30 -7.77 -15.01 32.54
N HIS A 31 -7.30 -16.25 32.57
CA HIS A 31 -7.32 -17.03 33.81
C HIS A 31 -6.12 -17.96 33.89
N LYS A 32 -5.91 -18.49 35.10
CA LYS A 32 -4.84 -19.45 35.33
C LYS A 32 -5.30 -20.86 35.02
N THR A 33 -4.37 -21.67 34.56
CA THR A 33 -4.63 -23.09 34.32
C THR A 33 -4.21 -23.91 35.53
N PHE A 34 -4.63 -25.18 35.55
CA PHE A 34 -4.29 -26.03 36.68
C PHE A 34 -2.79 -26.12 36.89
N GLU A 35 -2.01 -26.06 35.82
CA GLU A 35 -0.56 -26.07 35.88
C GLU A 35 0.03 -24.73 36.25
N GLY A 36 -0.81 -23.71 36.49
CA GLY A 36 -0.32 -22.38 36.80
C GLY A 36 0.11 -21.57 35.61
N ASN A 37 -0.29 -21.95 34.40
CA ASN A 37 -0.05 -21.11 33.23
C ASN A 37 -1.28 -20.22 33.05
N VAL A 38 -1.25 -19.37 32.05
CA VAL A 38 -2.35 -18.47 31.75
C VAL A 38 -2.99 -18.91 30.44
N ALA A 39 -4.31 -18.81 30.38
CA ALA A 39 -5.08 -19.10 29.19
C ALA A 39 -6.19 -18.08 29.06
N THR A 40 -6.73 -17.97 27.85
CA THR A 40 -7.89 -17.14 27.62
C THR A 40 -9.11 -18.02 27.32
N LYS A 41 -10.26 -17.48 27.69
CA LYS A 41 -11.56 -18.05 27.31
C LYS A 41 -12.33 -16.94 26.61
N ALA A 42 -12.66 -17.16 25.34
CA ALA A 42 -13.47 -16.19 24.62
C ALA A 42 -14.89 -16.11 25.17
N ILE A 43 -15.47 -14.92 25.07
CA ILE A 43 -16.88 -14.71 25.34
C ILE A 43 -17.50 -14.01 24.14
N ASN A 44 -18.83 -14.08 24.04
CA ASN A 44 -19.51 -13.52 22.89
C ASN A 44 -19.19 -12.04 22.75
N GLY A 45 -19.08 -11.61 21.50
CA GLY A 45 -18.79 -10.21 21.20
C GLY A 45 -19.79 -9.63 20.23
N CYS A 46 -19.48 -8.45 19.68
CA CYS A 46 -20.40 -7.80 18.78
C CYS A 46 -19.64 -6.75 17.98
N ILE A 47 -20.11 -6.56 16.76
CA ILE A 47 -19.74 -5.40 15.93
C ILE A 47 -20.77 -4.31 16.16
N PHE A 48 -20.30 -3.08 16.37
CA PHE A 48 -21.13 -1.93 16.65
C PHE A 48 -21.10 -1.07 15.39
N THR A 49 -22.20 -1.07 14.64
CA THR A 49 -22.30 -0.41 13.34
C THR A 49 -23.47 0.55 13.46
N LEU A 50 -23.19 1.88 13.40
CA LEU A 50 -24.16 2.88 13.80
C LEU A 50 -24.31 3.96 12.74
N ASN A 51 -25.53 4.23 12.33
CA ASN A 51 -25.82 5.42 11.53
C ASN A 51 -26.03 6.60 12.47
N PRO A 52 -25.15 7.61 12.50
CA PRO A 52 -25.24 8.66 13.50
C PRO A 52 -26.35 9.63 13.24
N LYS A 53 -26.88 9.68 12.02
CA LYS A 53 -27.99 10.58 11.72
C LYS A 53 -29.31 10.00 12.20
N THR A 54 -29.53 8.71 12.00
CA THR A 54 -30.81 8.11 12.32
C THR A 54 -30.86 7.37 13.66
N GLY A 55 -29.71 7.02 14.21
CA GLY A 55 -29.63 6.21 15.41
C GLY A 55 -29.74 4.73 15.15
N HIS A 56 -29.91 4.31 13.89
CA HIS A 56 -30.01 2.90 13.60
C HIS A 56 -28.70 2.18 13.91
N LEU A 57 -28.78 1.14 14.72
CA LEU A 57 -27.65 0.34 15.17
C LEU A 57 -27.83 -1.06 14.63
N PHE A 58 -26.88 -1.52 13.87
CA PHE A 58 -26.82 -2.89 13.35
C PHE A 58 -25.83 -3.64 14.25
N LEU A 59 -26.34 -4.38 15.22
CA LEU A 59 -25.49 -5.06 16.21
C LEU A 59 -25.33 -6.50 15.75
N LYS A 60 -24.17 -6.80 15.17
CA LYS A 60 -23.93 -8.17 14.75
C LYS A 60 -23.26 -8.87 15.91
N ILE A 61 -23.95 -9.88 16.44
CA ILE A 61 -23.41 -10.63 17.57
C ILE A 61 -22.42 -11.69 17.06
N ILE A 62 -21.25 -11.73 17.68
CA ILE A 62 -20.14 -12.59 17.32
C ILE A 62 -20.12 -13.70 18.37
N HIS A 63 -20.58 -14.88 17.98
CA HIS A 63 -20.62 -16.02 18.88
C HIS A 63 -19.25 -16.69 18.94
N THR A 64 -18.87 -17.16 20.13
CA THR A 64 -17.53 -17.69 20.37
C THR A 64 -17.16 -18.84 19.45
N SER A 65 -18.14 -19.53 18.87
CA SER A 65 -17.84 -20.60 17.93
C SER A 65 -17.07 -20.13 16.71
N VAL A 66 -17.17 -18.85 16.33
N VAL A 66 -17.18 -18.83 16.36
CA VAL A 66 -16.41 -18.37 15.18
CA VAL A 66 -16.42 -18.24 15.27
C VAL A 66 -14.90 -18.41 15.43
C VAL A 66 -14.92 -18.49 15.44
N TRP A 67 -14.46 -18.48 16.68
CA TRP A 67 -13.02 -18.53 16.94
C TRP A 67 -12.46 -19.95 17.04
N ALA A 68 -13.34 -20.95 17.07
CA ALA A 68 -12.91 -22.33 17.31
C ALA A 68 -11.88 -22.77 16.28
N GLY A 69 -10.71 -23.19 16.77
CA GLY A 69 -9.67 -23.71 15.90
C GLY A 69 -8.94 -22.69 15.06
N GLN A 70 -9.18 -21.42 15.32
CA GLN A 70 -8.51 -20.38 14.58
C GLN A 70 -7.33 -19.83 15.38
N LYS A 71 -6.33 -19.33 14.64
CA LYS A 71 -5.14 -18.72 15.20
C LYS A 71 -5.19 -17.21 15.00
N ARG A 72 -4.35 -16.52 15.78
CA ARG A 72 -4.15 -15.07 15.63
C ARG A 72 -5.47 -14.33 15.69
N LEU A 73 -6.22 -14.58 16.78
CA LEU A 73 -7.62 -14.17 16.83
C LEU A 73 -7.79 -12.65 16.77
N SER A 74 -6.89 -11.89 17.38
CA SER A 74 -7.02 -10.43 17.28
C SER A 74 -6.90 -9.94 15.84
N GLN A 75 -6.03 -10.56 15.04
CA GLN A 75 -5.98 -10.21 13.62
C GLN A 75 -7.22 -10.71 12.90
N LEU A 76 -7.65 -11.94 13.17
CA LEU A 76 -8.82 -12.47 12.51
C LEU A 76 -10.04 -11.62 12.80
N ALA A 77 -10.14 -11.11 14.03
CA ALA A 77 -11.29 -10.32 14.42
C ALA A 77 -11.49 -9.11 13.52
N LYS A 78 -10.40 -8.44 13.14
CA LYS A 78 -10.56 -7.29 12.24
C LYS A 78 -11.12 -7.73 10.89
N TRP A 79 -10.65 -8.87 10.37
CA TRP A 79 -11.09 -9.38 9.08
C TRP A 79 -12.52 -9.88 9.14
N LYS A 80 -12.88 -10.56 10.24
CA LYS A 80 -14.26 -10.97 10.45
C LYS A 80 -15.18 -9.76 10.52
N THR A 81 -14.76 -8.71 11.23
CA THR A 81 -15.51 -7.47 11.25
C THR A 81 -15.76 -6.96 9.82
N ALA A 82 -14.70 -6.81 9.04
CA ALA A 82 -14.85 -6.32 7.68
C ALA A 82 -15.73 -7.22 6.83
N GLU A 83 -15.62 -8.54 6.98
CA GLU A 83 -16.48 -9.47 6.24
C GLU A 83 -17.96 -9.24 6.58
N GLU A 84 -18.26 -9.10 7.87
CA GLU A 84 -19.64 -8.88 8.30
C GLU A 84 -20.18 -7.51 7.86
N VAL A 85 -19.35 -6.45 7.90
CA VAL A 85 -19.79 -5.15 7.43
C VAL A 85 -20.09 -5.18 5.94
N SER A 86 -19.22 -5.83 5.15
N SER A 86 -19.20 -5.82 5.17
CA SER A 86 -19.49 -5.90 3.72
CA SER A 86 -19.43 -5.97 3.74
C SER A 86 -20.71 -6.77 3.42
C SER A 86 -20.72 -6.75 3.46
N ALA A 87 -20.95 -7.82 4.20
CA ALA A 87 -22.19 -8.59 4.05
C ALA A 87 -23.41 -7.74 4.36
N LEU A 88 -23.33 -6.92 5.41
CA LEU A 88 -24.43 -6.00 5.73
C LEU A 88 -24.70 -5.04 4.57
N VAL A 89 -23.65 -4.43 4.04
CA VAL A 89 -23.88 -3.49 2.96
C VAL A 89 -24.56 -4.18 1.79
N ARG A 90 -24.06 -5.36 1.40
CA ARG A 90 -24.62 -6.08 0.24
C ARG A 90 -26.08 -6.44 0.48
N SER A 91 -26.46 -6.63 1.74
CA SER A 91 -27.83 -6.99 2.10
C SER A 91 -28.77 -5.79 2.03
N LEU A 92 -28.25 -4.57 2.01
CA LEU A 92 -29.12 -3.42 2.01
C LEU A 92 -29.46 -3.05 0.57
N PRO A 93 -30.68 -2.56 0.33
CA PRO A 93 -30.99 -1.99 -0.97
C PRO A 93 -30.01 -0.89 -1.32
N LYS A 94 -29.76 -0.73 -2.62
CA LYS A 94 -28.78 0.25 -3.09
C LYS A 94 -29.01 1.62 -2.48
N GLU A 95 -30.26 2.06 -2.40
CA GLU A 95 -30.54 3.40 -1.90
C GLU A 95 -30.34 3.53 -0.39
N GLU A 96 -30.13 2.42 0.32
CA GLU A 96 -29.82 2.43 1.74
C GLU A 96 -28.35 2.21 2.03
N GLN A 97 -27.55 1.88 1.01
CA GLN A 97 -26.15 1.61 1.26
C GLN A 97 -25.41 2.91 1.62
N PRO A 98 -24.41 2.82 2.49
CA PRO A 98 -23.71 4.03 2.91
C PRO A 98 -22.82 4.54 1.79
N LYS A 99 -22.64 5.87 1.77
N LYS A 99 -22.65 5.86 1.77
CA LYS A 99 -21.64 6.51 0.92
CA LYS A 99 -21.64 6.47 0.91
C LYS A 99 -20.28 6.61 1.59
C LYS A 99 -20.27 6.45 1.57
N GLN A 100 -20.23 6.47 2.92
CA GLN A 100 -18.98 6.43 3.67
C GLN A 100 -19.14 5.48 4.85
N ILE A 101 -18.05 4.81 5.20
CA ILE A 101 -17.95 4.02 6.42
C ILE A 101 -16.77 4.57 7.19
N ILE A 102 -17.02 5.01 8.42
CA ILE A 102 -15.98 5.58 9.28
C ILE A 102 -15.62 4.54 10.35
N VAL A 103 -14.37 4.09 10.34
CA VAL A 103 -13.91 3.13 11.32
C VAL A 103 -13.30 3.85 12.52
N THR A 104 -13.59 3.35 13.71
CA THR A 104 -13.13 4.00 14.93
C THR A 104 -11.68 3.71 15.25
N ARG A 105 -11.10 2.67 14.64
CA ARG A 105 -9.70 2.27 14.83
C ARG A 105 -9.02 2.09 13.49
N LYS A 106 -7.85 2.71 13.30
CA LYS A 106 -7.21 2.72 11.99
C LYS A 106 -6.83 1.32 11.50
N ALA A 107 -6.67 0.36 12.43
CA ALA A 107 -6.35 -1.00 12.04
C ALA A 107 -7.46 -1.67 11.24
N MET A 108 -8.68 -1.11 11.26
CA MET A 108 -9.75 -1.62 10.43
C MET A 108 -9.73 -1.09 9.00
N LEU A 109 -8.85 -0.14 8.64
CA LEU A 109 -8.89 0.42 7.30
C LEU A 109 -8.60 -0.61 6.21
N ASP A 110 -7.47 -1.31 6.30
CA ASP A 110 -7.12 -2.23 5.22
C ASP A 110 -8.09 -3.41 5.15
N PRO A 111 -8.46 -4.05 6.26
CA PRO A 111 -9.43 -5.15 6.15
C PRO A 111 -10.73 -4.73 5.49
N LEU A 112 -11.25 -3.57 5.88
CA LEU A 112 -12.51 -3.10 5.30
C LEU A 112 -12.34 -2.70 3.85
N GLU A 113 -11.25 -1.99 3.52
CA GLU A 113 -11.03 -1.62 2.13
C GLU A 113 -10.98 -2.86 1.23
N VAL A 114 -10.25 -3.90 1.65
CA VAL A 114 -10.11 -5.10 0.85
C VAL A 114 -11.46 -5.80 0.71
N HIS A 115 -12.26 -5.82 1.79
CA HIS A 115 -13.54 -6.49 1.66
C HIS A 115 -14.54 -5.71 0.82
N MET A 116 -14.30 -4.41 0.63
CA MET A 116 -15.24 -3.54 -0.07
C MET A 116 -14.72 -3.13 -1.45
N LEU A 117 -13.79 -3.92 -2.03
CA LEU A 117 -13.23 -3.54 -3.34
C LEU A 117 -14.31 -3.47 -4.41
N ASP A 118 -15.35 -4.29 -4.28
CA ASP A 118 -16.51 -4.28 -5.15
C ASP A 118 -17.31 -2.98 -5.06
N PHE A 119 -17.07 -2.14 -4.05
CA PHE A 119 -17.83 -0.90 -3.83
C PHE A 119 -16.84 0.27 -3.88
N PRO A 120 -16.25 0.53 -5.05
CA PRO A 120 -15.23 1.58 -5.13
C PRO A 120 -15.73 2.95 -4.77
N ASN A 121 -17.03 3.21 -4.89
CA ASN A 121 -17.61 4.49 -4.54
C ASN A 121 -18.00 4.63 -3.07
N ILE A 122 -17.79 3.61 -2.23
CA ILE A 122 -17.98 3.79 -0.79
C ILE A 122 -16.64 4.15 -0.16
N ALA A 123 -16.57 5.33 0.43
CA ALA A 123 -15.34 5.81 1.05
C ALA A 123 -15.14 5.19 2.43
N ILE A 124 -13.96 4.66 2.67
CA ILE A 124 -13.57 4.09 3.95
C ILE A 124 -12.62 5.07 4.63
N ARG A 125 -13.03 5.58 5.78
CA ARG A 125 -12.37 6.70 6.44
C ARG A 125 -12.02 6.38 7.88
N PRO A 126 -10.88 6.85 8.35
CA PRO A 126 -10.62 6.88 9.80
C PRO A 126 -11.20 8.13 10.45
N THR A 127 -10.99 8.23 11.77
CA THR A 127 -11.40 9.41 12.47
C THR A 127 -10.36 9.75 13.53
N GLU A 128 -10.21 11.05 13.79
N GLU A 128 -10.20 11.05 13.80
CA GLU A 128 -9.41 11.54 14.90
CA GLU A 128 -9.39 11.47 14.93
C GLU A 128 -10.21 11.68 16.18
C GLU A 128 -10.21 11.66 16.19
N LEU A 129 -11.54 11.54 16.12
CA LEU A 129 -12.35 11.54 17.33
C LEU A 129 -12.09 10.28 18.14
N ARG A 130 -12.06 10.42 19.46
CA ARG A 130 -11.90 9.29 20.37
C ARG A 130 -13.30 8.93 20.88
N LEU A 131 -13.98 8.11 20.14
CA LEU A 131 -15.37 7.87 20.46
C LEU A 131 -15.50 6.74 21.47
N PRO A 132 -16.52 6.81 22.34
CA PRO A 132 -16.58 5.86 23.45
C PRO A 132 -17.44 4.64 23.14
N PHE A 133 -17.47 4.19 21.89
CA PHE A 133 -18.35 3.08 21.55
C PHE A 133 -17.97 1.76 22.21
N SER A 134 -16.74 1.59 22.69
CA SER A 134 -16.44 0.38 23.44
C SER A 134 -17.39 0.18 24.63
N ALA A 135 -17.91 1.24 25.16
CA ALA A 135 -18.83 1.16 26.29
C ALA A 135 -20.21 0.66 25.92
N ALA A 136 -20.44 0.25 24.66
CA ALA A 136 -21.78 -0.20 24.27
C ALA A 136 -22.22 -1.39 25.09
N MET A 137 -21.27 -2.22 25.51
CA MET A 137 -21.66 -3.35 26.32
C MET A 137 -22.00 -2.96 27.75
N SER A 138 -21.91 -1.67 28.11
CA SER A 138 -22.42 -1.21 29.39
C SER A 138 -23.90 -0.87 29.32
N ILE A 139 -24.51 -0.89 28.14
CA ILE A 139 -25.95 -0.74 27.98
C ILE A 139 -26.55 -2.11 28.21
N ASP A 140 -27.40 -2.21 29.25
CA ASP A 140 -27.80 -3.52 29.75
C ASP A 140 -28.49 -4.35 28.67
N LYS A 141 -29.40 -3.75 27.89
CA LYS A 141 -30.13 -4.56 26.90
C LYS A 141 -29.21 -5.06 25.79
N LEU A 142 -28.18 -4.28 25.45
CA LEU A 142 -27.23 -4.76 24.44
C LEU A 142 -26.35 -5.88 24.99
N SER A 143 -25.79 -5.71 26.18
CA SER A 143 -25.04 -6.77 26.82
C SER A 143 -25.87 -8.05 26.94
N ASP A 144 -27.16 -7.92 27.29
CA ASP A 144 -28.00 -9.10 27.49
C ASP A 144 -28.15 -9.90 26.21
N VAL A 145 -28.41 -9.24 25.09
CA VAL A 145 -28.64 -9.98 23.86
C VAL A 145 -27.34 -10.63 23.39
N VAL A 146 -26.21 -9.97 23.60
CA VAL A 146 -24.93 -10.53 23.20
C VAL A 146 -24.61 -11.78 24.03
N MET A 147 -24.77 -11.67 25.35
N MET A 147 -24.78 -11.69 25.35
N MET A 147 -24.79 -11.69 25.35
CA MET A 147 -24.41 -12.75 26.26
CA MET A 147 -24.37 -12.80 26.21
CA MET A 147 -24.39 -12.80 26.22
C MET A 147 -25.33 -13.95 26.11
C MET A 147 -25.33 -13.97 26.12
C MET A 147 -25.33 -13.99 26.09
N LYS A 148 -26.59 -13.75 25.73
CA LYS A 148 -27.57 -14.84 25.59
C LYS A 148 -27.48 -15.56 24.25
N ALA A 149 -26.79 -15.01 23.25
CA ALA A 149 -26.79 -15.60 21.93
C ALA A 149 -26.12 -16.95 21.92
N THR A 150 -26.77 -17.92 21.26
CA THR A 150 -26.24 -19.27 21.09
C THR A 150 -25.74 -19.53 19.68
N GLU A 151 -25.85 -18.53 18.80
CA GLU A 151 -25.41 -18.63 17.43
C GLU A 151 -25.22 -17.21 16.91
N PRO A 152 -24.58 -17.06 15.75
CA PRO A 152 -24.47 -15.73 15.14
C PRO A 152 -25.84 -15.15 14.84
N GLN A 153 -25.97 -13.85 15.11
CA GLN A 153 -27.27 -13.19 15.02
C GLN A 153 -27.02 -11.71 14.82
N MET A 154 -27.88 -11.08 14.02
CA MET A 154 -27.92 -9.61 13.88
C MET A 154 -29.19 -9.10 14.53
N VAL A 155 -29.05 -8.08 15.38
CA VAL A 155 -30.19 -7.45 16.06
C VAL A 155 -30.15 -5.96 15.77
N LEU A 156 -31.29 -5.38 15.42
CA LEU A 156 -31.38 -3.98 15.07
C LEU A 156 -31.98 -3.20 16.22
N PHE A 157 -31.37 -2.06 16.51
CA PHE A 157 -31.86 -1.19 17.55
C PHE A 157 -31.85 0.25 17.03
N ASN A 158 -32.57 1.13 17.71
CA ASN A 158 -32.36 2.57 17.58
C ASN A 158 -31.70 3.04 18.88
N ILE A 159 -30.44 3.47 18.79
CA ILE A 159 -29.70 3.83 19.99
C ILE A 159 -30.11 5.16 20.58
N TYR A 160 -30.93 5.94 19.88
CA TYR A 160 -31.48 7.20 20.36
C TYR A 160 -32.87 7.05 20.92
N ASP A 161 -33.37 5.82 21.06
CA ASP A 161 -34.80 5.65 21.47
C ASP A 161 -35.66 6.55 20.59
N ASP A 162 -36.52 7.41 21.16
CA ASP A 162 -37.39 8.34 20.45
C ASP A 162 -36.88 9.77 20.53
N TRP A 163 -35.59 9.97 20.85
CA TRP A 163 -35.13 11.32 21.11
C TRP A 163 -35.28 12.23 19.89
N LEU A 164 -35.16 11.66 18.67
CA LEU A 164 -35.23 12.48 17.47
C LEU A 164 -36.60 13.13 17.27
N ASP A 165 -37.63 12.67 17.99
CA ASP A 165 -38.90 13.37 17.98
C ASP A 165 -38.80 14.76 18.60
N ARG A 166 -37.84 14.97 19.50
CA ARG A 166 -37.71 16.24 20.21
C ARG A 166 -36.41 16.98 19.96
N ILE A 167 -35.34 16.29 19.53
CA ILE A 167 -34.01 16.89 19.39
C ILE A 167 -33.42 16.52 18.04
N SER A 168 -32.41 17.27 17.63
CA SER A 168 -31.75 17.00 16.37
C SER A 168 -30.75 15.87 16.53
N SER A 169 -30.33 15.32 15.40
N SER A 169 -30.29 15.34 15.40
CA SER A 169 -29.31 14.27 15.42
CA SER A 169 -29.32 14.25 15.46
C SER A 169 -28.04 14.76 16.12
C SER A 169 -27.96 14.70 15.97
N TYR A 170 -27.58 15.98 15.78
CA TYR A 170 -26.38 16.49 16.43
C TYR A 170 -26.49 16.37 17.94
N THR A 171 -27.60 16.87 18.50
CA THR A 171 -27.83 16.84 19.94
C THR A 171 -27.95 15.40 20.45
N ALA A 172 -28.62 14.54 19.68
CA ALA A 172 -28.76 13.12 20.10
C ALA A 172 -27.41 12.42 20.14
N PHE A 173 -26.56 12.66 19.13
CA PHE A 173 -25.22 12.07 19.14
C PHE A 173 -24.41 12.59 20.33
N SER A 174 -24.46 13.90 20.59
CA SER A 174 -23.75 14.46 21.74
C SER A 174 -24.22 13.85 23.04
N ARG A 175 -25.53 13.63 23.18
CA ARG A 175 -26.04 12.96 24.38
C ARG A 175 -25.52 11.53 24.45
N LEU A 176 -25.59 10.82 23.33
CA LEU A 176 -25.12 9.43 23.33
C LEU A 176 -23.65 9.35 23.72
N THR A 177 -22.80 10.21 23.11
CA THR A 177 -21.38 10.13 23.40
C THR A 177 -21.11 10.53 24.84
N LEU A 178 -21.87 11.48 25.39
CA LEU A 178 -21.73 11.81 26.81
C LEU A 178 -22.06 10.62 27.72
N LEU A 179 -23.19 9.97 27.46
CA LEU A 179 -23.59 8.81 28.24
C LEU A 179 -22.54 7.70 28.16
N LEU A 180 -22.06 7.42 26.94
CA LEU A 180 -21.09 6.34 26.77
C LEU A 180 -19.74 6.69 27.37
N ARG A 181 -19.29 7.93 27.24
CA ARG A 181 -18.06 8.33 27.91
C ARG A 181 -18.15 8.18 29.43
N ALA A 182 -19.29 8.55 30.02
CA ALA A 182 -19.49 8.36 31.46
C ALA A 182 -19.43 6.88 31.82
N LEU A 183 -20.17 6.04 31.10
CA LEU A 183 -20.16 4.61 31.36
C LEU A 183 -18.77 4.02 31.22
N LYS A 184 -17.96 4.55 30.30
CA LYS A 184 -16.61 4.07 30.12
C LYS A 184 -15.69 4.49 31.27
N THR A 185 -15.87 5.70 31.80
N THR A 185 -15.88 5.70 31.79
CA THR A 185 -14.96 6.19 32.83
CA THR A 185 -14.97 6.22 32.82
C THR A 185 -15.30 5.63 34.21
C THR A 185 -15.31 5.67 34.20
N ASN A 186 -16.59 5.48 34.51
CA ASN A 186 -16.99 4.93 35.82
C ASN A 186 -18.40 4.34 35.65
N GLU A 187 -18.44 3.06 35.26
CA GLU A 187 -19.69 2.41 34.90
C GLU A 187 -20.67 2.39 36.08
N GLU A 188 -20.22 2.04 37.28
CA GLU A 188 -21.18 1.93 38.38
C GLU A 188 -21.86 3.25 38.65
N SER A 189 -21.08 4.33 38.75
CA SER A 189 -21.67 5.64 39.03
C SER A 189 -22.59 6.09 37.90
N ALA A 190 -22.13 5.97 36.65
CA ALA A 190 -22.97 6.33 35.53
C ALA A 190 -24.31 5.60 35.61
N LYS A 191 -24.27 4.29 35.88
CA LYS A 191 -25.51 3.53 35.95
C LYS A 191 -26.37 3.95 37.14
N MET A 192 -25.73 4.32 38.26
CA MET A 192 -26.49 4.87 39.37
CA MET A 192 -26.48 4.88 39.38
C MET A 192 -27.22 6.14 38.95
N ILE A 193 -26.50 7.07 38.33
CA ILE A 193 -27.13 8.31 37.86
C ILE A 193 -28.36 7.99 37.02
N LEU A 194 -28.23 7.03 36.11
CA LEU A 194 -29.28 6.78 35.14
C LEU A 194 -30.51 6.12 35.76
N LEU A 195 -30.34 5.37 36.83
CA LEU A 195 -31.43 4.56 37.38
C LEU A 195 -31.80 4.94 38.80
N SER A 196 -31.21 5.99 39.37
CA SER A 196 -31.47 6.32 40.77
C SER A 196 -32.97 6.41 41.06
N ASP A 197 -33.71 7.13 40.21
CA ASP A 197 -35.10 7.47 40.48
C ASP A 197 -36.03 6.38 39.92
N PRO A 198 -36.63 5.53 40.76
CA PRO A 198 -37.39 4.39 40.23
C PRO A 198 -38.67 4.77 39.50
N THR A 199 -39.14 6.02 39.61
CA THR A 199 -40.34 6.42 38.90
C THR A 199 -40.09 6.68 37.42
N ILE A 200 -38.82 6.77 36.99
CA ILE A 200 -38.45 6.92 35.59
C ILE A 200 -38.01 5.55 35.10
N THR A 201 -38.70 5.02 34.10
CA THR A 201 -38.49 3.66 33.67
C THR A 201 -37.95 3.66 32.24
N ILE A 202 -37.48 2.49 31.82
CA ILE A 202 -37.08 2.22 30.45
C ILE A 202 -38.22 1.48 29.77
N LYS A 203 -38.74 2.04 28.69
CA LYS A 203 -39.80 1.35 27.98
C LYS A 203 -39.27 0.03 27.43
N SER A 204 -40.18 -0.93 27.24
CA SER A 204 -39.80 -2.23 26.72
C SER A 204 -39.07 -2.12 25.39
N TYR A 205 -39.44 -1.14 24.57
CA TYR A 205 -38.90 -0.97 23.23
C TYR A 205 -37.76 0.06 23.18
N HIS A 206 -37.21 0.42 24.35
CA HIS A 206 -36.15 1.43 24.46
C HIS A 206 -34.93 0.90 25.19
N LEU A 207 -33.84 1.65 25.07
CA LEU A 207 -32.61 1.29 25.74
C LEU A 207 -32.33 2.11 26.98
N TRP A 208 -32.75 3.37 27.00
CA TRP A 208 -32.46 4.34 28.05
C TRP A 208 -33.77 4.74 28.74
N PRO A 209 -33.70 5.39 29.90
CA PRO A 209 -34.92 5.79 30.60
C PRO A 209 -35.68 6.89 29.89
N SER A 210 -36.97 6.97 30.24
CA SER A 210 -37.91 7.91 29.62
C SER A 210 -37.86 9.27 30.32
N PHE A 211 -36.72 9.94 30.19
CA PHE A 211 -36.52 11.24 30.83
C PHE A 211 -37.28 12.31 30.08
N THR A 212 -37.91 13.21 30.83
CA THR A 212 -38.39 14.44 30.23
C THR A 212 -37.21 15.31 29.82
N ASP A 213 -37.50 16.34 29.01
CA ASP A 213 -36.49 17.29 28.60
C ASP A 213 -35.71 17.87 29.78
N GLU A 214 -36.42 18.24 30.85
CA GLU A 214 -35.73 18.82 32.01
C GLU A 214 -34.87 17.78 32.72
N GLN A 215 -35.38 16.55 32.83
CA GLN A 215 -34.60 15.50 33.46
C GLN A 215 -33.34 15.17 32.66
N TRP A 216 -33.41 15.27 31.33
CA TRP A 216 -32.21 15.03 30.53
C TRP A 216 -31.13 16.07 30.81
N ILE A 217 -31.54 17.31 31.05
CA ILE A 217 -30.55 18.33 31.39
C ILE A 217 -29.89 18.00 32.71
N THR A 218 -30.67 17.58 33.70
CA THR A 218 -30.08 17.21 34.97
C THR A 218 -29.15 16.01 34.80
N ILE A 219 -29.65 14.95 34.13
CA ILE A 219 -28.84 13.77 33.88
C ILE A 219 -27.54 14.15 33.19
N GLU A 220 -27.64 14.94 32.12
CA GLU A 220 -26.47 15.32 31.35
C GLU A 220 -25.47 16.08 32.20
N SER A 221 -25.98 16.93 33.10
N SER A 221 -25.97 16.95 33.09
CA SER A 221 -25.09 17.65 34.01
CA SER A 221 -25.07 17.64 34.01
C SER A 221 -24.43 16.68 34.99
C SER A 221 -24.41 16.65 34.97
N GLN A 222 -25.18 15.68 35.46
CA GLN A 222 -24.62 14.70 36.38
C GLN A 222 -23.52 13.89 35.70
N MET A 223 -23.66 13.60 34.40
CA MET A 223 -22.63 12.85 33.68
C MET A 223 -21.37 13.68 33.46
N ARG A 224 -21.53 14.96 33.11
N ARG A 224 -21.52 14.96 33.14
CA ARG A 224 -20.36 15.83 32.99
CA ARG A 224 -20.35 15.81 32.99
C ARG A 224 -19.59 15.92 34.31
C ARG A 224 -19.59 15.97 34.30
N ASP A 225 -20.31 16.09 35.42
CA ASP A 225 -19.66 16.12 36.73
CA ASP A 225 -19.67 16.10 36.73
C ASP A 225 -18.86 14.83 36.95
N LEU A 226 -19.48 13.68 36.69
CA LEU A 226 -18.80 12.39 36.85
C LEU A 226 -17.51 12.35 36.05
N ILE A 227 -17.55 12.77 34.78
CA ILE A 227 -16.39 12.68 33.92
C ILE A 227 -15.30 13.61 34.40
N LEU A 228 -15.68 14.78 34.89
CA LEU A 228 -14.72 15.75 35.40
C LEU A 228 -14.08 15.24 36.69
N THR A 229 -14.91 14.82 37.64
CA THR A 229 -14.44 14.15 38.86
C THR A 229 -13.41 13.09 38.53
N GLU A 230 -13.85 11.96 37.97
CA GLU A 230 -12.94 10.87 37.62
C GLU A 230 -11.67 11.41 36.99
N TYR A 231 -11.81 12.48 36.20
CA TYR A 231 -10.64 13.09 35.61
C TYR A 231 -9.77 13.75 36.67
N GLY A 232 -10.37 14.19 37.78
CA GLY A 232 -9.62 14.62 38.95
C GLY A 232 -9.13 13.44 39.78
N ARG A 233 -10.06 12.61 40.25
CA ARG A 233 -9.72 11.37 40.95
C ARG A 233 -8.62 10.61 40.22
N LYS A 234 -8.47 10.85 38.91
CA LYS A 234 -7.44 10.19 38.12
C LYS A 234 -6.11 10.92 38.21
N TYR A 235 -6.06 12.17 37.74
CA TYR A 235 -4.85 12.96 37.73
C TYR A 235 -4.62 13.71 39.04
N ASN A 236 -5.53 13.57 40.01
CA ASN A 236 -5.45 14.34 41.25
C ASN A 236 -5.44 15.83 40.93
N VAL A 237 -6.64 16.41 40.78
CA VAL A 237 -6.80 17.83 40.47
C VAL A 237 -8.08 18.38 41.12
N MET B 5 32.82 -7.67 -30.77
CA MET B 5 32.74 -6.35 -30.08
C MET B 5 32.14 -5.25 -30.98
N ASN B 6 31.06 -4.62 -30.54
CA ASN B 6 30.35 -3.65 -31.38
C ASN B 6 30.66 -2.21 -31.02
N THR B 7 30.15 -1.30 -31.84
CA THR B 7 30.50 0.11 -31.78
C THR B 7 29.25 0.95 -31.96
N VAL B 8 29.18 2.03 -31.19
CA VAL B 8 28.20 3.07 -31.36
C VAL B 8 28.94 4.36 -31.63
N PRO B 9 29.07 4.73 -32.90
CA PRO B 9 29.76 5.99 -33.23
C PRO B 9 28.87 7.20 -32.97
N PHE B 10 29.53 8.33 -32.78
CA PHE B 10 28.88 9.63 -32.67
C PHE B 10 29.28 10.48 -33.87
N THR B 11 28.32 11.15 -34.46
CA THR B 11 28.63 12.07 -35.54
C THR B 11 29.57 13.18 -35.06
N SER B 12 29.32 13.72 -33.88
CA SER B 12 30.08 14.78 -33.24
C SER B 12 29.56 14.92 -31.82
N ALA B 13 30.21 15.77 -31.03
CA ALA B 13 29.73 16.16 -29.70
C ALA B 13 29.67 17.68 -29.55
N PRO B 14 28.62 18.30 -30.07
CA PRO B 14 28.60 19.79 -30.08
C PRO B 14 28.31 20.45 -28.75
N ILE B 15 27.74 19.76 -27.78
CA ILE B 15 27.49 20.31 -26.46
C ILE B 15 28.15 19.44 -25.41
N GLU B 16 28.64 20.12 -24.37
CA GLU B 16 29.31 19.46 -23.27
C GLU B 16 28.30 18.59 -22.52
N VAL B 17 28.70 17.35 -22.24
CA VAL B 17 27.77 16.34 -21.76
C VAL B 17 28.55 15.29 -21.00
N THR B 18 27.95 14.78 -19.93
CA THR B 18 28.38 13.56 -19.28
C THR B 18 27.66 12.38 -19.92
N ILE B 19 28.42 11.43 -20.46
CA ILE B 19 27.87 10.29 -21.18
C ILE B 19 28.02 9.06 -20.29
N GLY B 20 26.92 8.39 -20.01
CA GLY B 20 27.12 7.15 -19.32
C GLY B 20 26.89 5.99 -20.25
N ILE B 21 27.66 4.92 -20.07
CA ILE B 21 27.55 3.67 -20.86
C ILE B 21 27.44 2.62 -19.75
N ASP B 22 26.25 2.03 -19.54
CA ASP B 22 25.95 1.10 -18.40
C ASP B 22 26.39 1.79 -17.09
N GLN B 23 27.24 1.19 -16.24
CA GLN B 23 27.60 1.74 -14.92
C GLN B 23 28.75 2.76 -15.04
N TYR B 24 29.36 2.94 -16.21
CA TYR B 24 30.48 3.89 -16.42
C TYR B 24 29.97 5.27 -16.84
N SER B 25 30.67 6.35 -16.46
CA SER B 25 30.34 7.74 -16.81
C SER B 25 31.62 8.47 -17.17
N PHE B 26 31.57 9.36 -18.16
CA PHE B 26 32.77 10.12 -18.58
C PHE B 26 32.26 11.43 -19.17
N ASN B 27 33.11 12.43 -19.18
CA ASN B 27 32.72 13.77 -19.58
C ASN B 27 33.28 14.05 -20.96
N VAL B 28 32.49 14.74 -21.78
CA VAL B 28 32.91 15.18 -23.09
C VAL B 28 32.76 16.69 -23.15
N LYS B 29 33.82 17.39 -23.57
CA LYS B 29 33.69 18.84 -23.59
C LYS B 29 32.98 19.34 -24.85
N GLU B 30 32.49 20.57 -24.80
CA GLU B 30 31.82 21.16 -25.95
C GLU B 30 32.75 21.15 -27.15
N ASN B 31 32.30 20.54 -28.26
CA ASN B 31 33.06 20.43 -29.50
C ASN B 31 34.36 19.62 -29.35
N GLN B 32 34.45 18.74 -28.36
CA GLN B 32 35.61 17.88 -28.24
C GLN B 32 35.58 16.81 -29.35
N PRO B 33 36.75 16.40 -29.86
CA PRO B 33 36.80 15.43 -30.97
C PRO B 33 36.42 13.99 -30.59
N PHE B 34 35.18 13.81 -30.16
CA PHE B 34 34.71 12.52 -29.67
C PHE B 34 33.83 11.87 -30.72
N HIS B 35 34.11 10.61 -31.06
CA HIS B 35 33.31 9.95 -32.08
C HIS B 35 32.76 8.59 -31.67
N GLY B 36 32.67 8.32 -30.36
CA GLY B 36 31.81 7.24 -29.91
C GLY B 36 32.51 6.22 -29.03
N ILE B 37 31.85 5.08 -28.90
CA ILE B 37 32.20 4.02 -27.96
C ILE B 37 32.40 2.72 -28.72
N LYS B 38 33.58 2.11 -28.57
CA LYS B 38 33.90 0.85 -29.22
C LYS B 38 34.02 -0.27 -28.17
N ASP B 39 34.19 -1.50 -28.66
CA ASP B 39 34.44 -2.67 -27.83
C ASP B 39 33.28 -3.00 -26.90
N ILE B 40 32.06 -2.70 -27.35
CA ILE B 40 30.87 -2.97 -26.56
C ILE B 40 30.56 -4.46 -26.58
N PRO B 41 30.49 -5.10 -25.42
CA PRO B 41 30.25 -6.55 -25.40
C PRO B 41 28.95 -6.96 -26.05
N ILE B 42 29.06 -7.92 -26.94
CA ILE B 42 27.93 -8.56 -27.55
C ILE B 42 27.34 -9.59 -26.59
N GLY B 43 26.02 -9.67 -26.59
CA GLY B 43 25.31 -10.65 -25.82
C GLY B 43 24.50 -10.07 -24.72
N HIS B 44 24.62 -8.75 -24.49
CA HIS B 44 23.87 -8.11 -23.45
C HIS B 44 23.13 -6.94 -24.05
N VAL B 45 22.09 -6.52 -23.37
N VAL B 45 22.02 -6.57 -23.42
CA VAL B 45 21.44 -5.24 -23.65
CA VAL B 45 21.49 -5.23 -23.65
C VAL B 45 22.20 -4.13 -22.93
C VAL B 45 22.48 -4.20 -23.10
N HIS B 46 22.36 -2.97 -23.58
CA HIS B 46 23.16 -1.89 -23.06
C HIS B 46 22.31 -0.62 -23.02
N VAL B 47 22.80 0.36 -22.28
CA VAL B 47 22.15 1.68 -22.19
C VAL B 47 23.21 2.75 -22.37
N ILE B 48 22.94 3.71 -23.26
N ILE B 48 22.98 3.66 -23.31
CA ILE B 48 23.81 4.85 -23.42
CA ILE B 48 23.81 4.86 -23.43
C ILE B 48 22.99 6.07 -23.00
C ILE B 48 22.95 6.02 -22.94
N HIS B 49 23.54 6.86 -22.09
CA HIS B 49 22.77 7.88 -21.41
C HIS B 49 23.53 9.17 -21.25
N PHE B 50 22.77 10.24 -20.98
CA PHE B 50 23.28 11.58 -21.19
C PHE B 50 22.80 12.50 -20.08
N GLN B 51 23.70 13.38 -19.64
CA GLN B 51 23.31 14.52 -18.80
C GLN B 51 24.06 15.74 -19.25
N HIS B 52 23.34 16.75 -19.72
CA HIS B 52 24.02 17.92 -20.25
C HIS B 52 24.65 18.72 -19.11
N ALA B 53 25.80 19.33 -19.42
CA ALA B 53 26.54 20.09 -18.43
C ALA B 53 25.74 21.32 -18.01
N ASP B 54 25.02 21.91 -18.96
CA ASP B 54 24.29 23.14 -18.69
C ASP B 54 22.95 22.88 -18.00
N ASN B 55 22.39 21.69 -18.17
CA ASN B 55 21.08 21.38 -17.58
C ASN B 55 21.14 19.93 -17.11
N SER B 56 21.50 19.74 -15.85
CA SER B 56 21.42 18.45 -15.23
C SER B 56 19.99 17.95 -15.10
N SER B 57 19.00 18.74 -15.53
CA SER B 57 17.63 18.27 -15.58
C SER B 57 17.43 17.39 -16.80
N MET B 58 16.56 16.40 -16.64
N MET B 58 16.59 16.37 -16.62
CA MET B 58 16.35 15.37 -17.66
CA MET B 58 16.35 15.37 -17.65
C MET B 58 17.67 14.66 -17.98
C MET B 58 17.63 14.64 -18.00
N ARG B 59 17.99 13.63 -17.19
CA ARG B 59 18.85 12.59 -17.70
C ARG B 59 18.01 11.81 -18.70
N TYR B 60 18.62 11.34 -19.80
CA TYR B 60 17.87 10.59 -20.80
C TYR B 60 18.83 9.61 -21.47
N GLY B 61 18.28 8.63 -22.15
CA GLY B 61 19.17 7.65 -22.80
C GLY B 61 18.42 6.62 -23.62
N TYR B 62 19.19 5.64 -24.11
CA TYR B 62 18.69 4.69 -25.08
C TYR B 62 19.14 3.30 -24.69
N TRP B 63 18.18 2.40 -24.60
CA TRP B 63 18.44 0.98 -24.47
C TRP B 63 18.55 0.33 -25.84
N PHE B 64 19.58 -0.49 -26.04
CA PHE B 64 19.86 -1.07 -27.34
C PHE B 64 20.62 -2.39 -27.18
N ASP B 65 20.63 -3.13 -28.27
CA ASP B 65 21.35 -4.41 -28.41
C ASP B 65 21.95 -4.39 -29.80
N CYS B 66 23.29 -4.41 -29.88
CA CYS B 66 23.99 -4.22 -31.15
C CYS B 66 23.75 -5.37 -32.11
N ARG B 67 23.23 -6.49 -31.64
CA ARG B 67 22.90 -7.57 -32.54
C ARG B 67 21.69 -7.22 -33.40
N MET B 68 20.92 -6.21 -33.03
N MET B 68 20.92 -6.21 -33.02
CA MET B 68 19.68 -5.88 -33.71
CA MET B 68 19.67 -5.87 -33.69
C MET B 68 19.83 -4.81 -34.78
C MET B 68 19.83 -4.81 -34.78
N GLY B 69 21.01 -4.24 -34.95
CA GLY B 69 21.19 -3.21 -35.96
C GLY B 69 22.46 -2.43 -35.68
N ASN B 70 22.79 -1.55 -36.61
CA ASN B 70 23.92 -0.63 -36.47
C ASN B 70 23.39 0.72 -35.99
N PHE B 71 23.78 1.11 -34.79
CA PHE B 71 23.24 2.32 -34.16
C PHE B 71 24.32 3.35 -33.99
N TYR B 72 23.95 4.62 -34.12
CA TYR B 72 24.86 5.72 -33.88
C TYR B 72 24.14 6.85 -33.16
N ILE B 73 24.91 7.81 -32.66
CA ILE B 73 24.37 8.99 -31.97
C ILE B 73 24.67 10.24 -32.79
N GLN B 74 23.67 11.12 -32.89
CA GLN B 74 23.85 12.40 -33.56
C GLN B 74 23.06 13.44 -32.78
N TYR B 75 23.71 14.56 -32.48
CA TYR B 75 23.06 15.63 -31.75
C TYR B 75 22.09 16.34 -32.70
N ASP B 76 20.90 16.66 -32.18
CA ASP B 76 19.89 17.44 -32.89
C ASP B 76 19.77 18.83 -32.27
N PRO B 77 20.22 19.88 -32.96
CA PRO B 77 20.18 21.22 -32.37
C PRO B 77 18.78 21.80 -32.26
N LYS B 78 17.78 21.21 -32.90
CA LYS B 78 16.43 21.73 -32.78
C LYS B 78 15.77 21.17 -31.53
N ASP B 79 15.80 19.83 -31.37
CA ASP B 79 15.25 19.19 -30.19
C ASP B 79 16.20 19.22 -29.00
N GLY B 80 17.46 19.59 -29.23
CA GLY B 80 18.34 19.84 -28.12
C GLY B 80 18.81 18.59 -27.40
N LEU B 81 18.96 17.50 -28.12
CA LEU B 81 19.42 16.28 -27.45
C LEU B 81 20.20 15.38 -28.40
N TYR B 82 20.98 14.51 -27.78
CA TYR B 82 21.68 13.47 -28.50
C TYR B 82 20.69 12.37 -28.84
N LYS B 83 20.54 12.07 -30.13
CA LYS B 83 19.55 11.11 -30.58
C LYS B 83 20.22 9.83 -31.09
N MET B 84 19.66 8.70 -30.70
CA MET B 84 20.08 7.45 -31.32
C MET B 84 19.35 7.28 -32.64
N MET B 85 20.08 6.78 -33.63
CA MET B 85 19.56 6.49 -34.96
C MET B 85 20.14 5.17 -35.45
N GLU B 86 19.44 4.55 -36.39
CA GLU B 86 19.89 3.31 -37.03
C GLU B 86 20.39 3.64 -38.44
N GLU B 87 21.56 3.10 -38.80
CA GLU B 87 22.12 3.20 -40.14
C GLU B 87 21.81 1.91 -40.88
N ARG B 88 21.04 2.01 -41.96
CA ARG B 88 20.70 0.83 -42.76
C ARG B 88 21.77 0.47 -43.80
N ASP B 89 22.66 1.39 -44.16
CA ASP B 89 23.74 1.10 -45.10
C ASP B 89 24.91 0.47 -44.34
N GLY B 90 24.96 -0.85 -44.33
CA GLY B 90 26.00 -1.55 -43.58
C GLY B 90 27.41 -1.18 -44.00
N ALA B 91 27.61 -0.89 -45.29
CA ALA B 91 28.94 -0.58 -45.79
C ALA B 91 29.35 0.82 -45.41
N LYS B 92 28.41 1.76 -45.48
CA LYS B 92 28.67 3.11 -44.98
C LYS B 92 29.07 3.06 -43.51
N PHE B 93 28.32 2.30 -42.70
CA PHE B 93 28.59 2.24 -41.27
C PHE B 93 29.95 1.64 -40.99
N GLU B 94 30.24 0.48 -41.60
CA GLU B 94 31.55 -0.15 -41.40
C GLU B 94 32.68 0.81 -41.77
N ASN B 95 32.51 1.56 -42.85
CA ASN B 95 33.55 2.47 -43.31
C ASN B 95 33.72 3.63 -42.35
N ILE B 96 32.62 4.22 -41.88
CA ILE B 96 32.67 5.27 -40.87
C ILE B 96 33.39 4.76 -39.62
N VAL B 97 32.96 3.62 -39.09
CA VAL B 97 33.50 3.13 -37.83
C VAL B 97 34.98 2.80 -37.95
N HIS B 98 35.39 2.16 -39.04
CA HIS B 98 36.80 1.85 -39.23
C HIS B 98 37.66 3.11 -39.25
N ASN B 99 37.21 4.17 -39.94
CA ASN B 99 37.94 5.44 -39.96
C ASN B 99 38.08 6.02 -38.54
N PHE B 100 37.00 6.00 -37.77
CA PHE B 100 37.09 6.59 -36.44
C PHE B 100 38.01 5.78 -35.55
N LYS B 101 37.96 4.45 -35.69
CA LYS B 101 38.85 3.60 -34.91
C LYS B 101 40.31 3.81 -35.29
N GLU B 102 40.60 3.84 -36.59
CA GLU B 102 41.97 4.08 -37.03
C GLU B 102 42.49 5.40 -36.48
N ARG B 103 41.64 6.42 -36.45
CA ARG B 103 42.02 7.72 -35.89
C ARG B 103 41.97 7.77 -34.37
N GLN B 104 41.60 6.67 -33.70
CA GLN B 104 41.54 6.60 -32.23
C GLN B 104 40.67 7.71 -31.64
N MET B 105 39.51 7.89 -32.23
CA MET B 105 38.59 8.91 -31.75
C MET B 105 37.43 8.33 -30.96
N MET B 106 37.57 7.12 -30.42
CA MET B 106 36.52 6.47 -29.66
C MET B 106 37.05 6.04 -28.30
N VAL B 107 36.19 6.06 -27.28
CA VAL B 107 36.53 5.55 -25.94
C VAL B 107 36.26 4.05 -26.01
N SER B 108 37.00 3.26 -25.24
CA SER B 108 36.90 1.79 -25.25
C SER B 108 36.04 1.34 -24.06
N TYR B 109 34.97 0.58 -24.30
CA TYR B 109 34.15 -0.01 -23.24
C TYR B 109 35.12 -0.79 -22.35
N PRO B 110 35.18 -0.61 -21.00
CA PRO B 110 36.15 -1.36 -20.20
C PRO B 110 36.09 -2.89 -20.36
N LYS B 111 37.24 -3.56 -20.29
CA LYS B 111 37.27 -5.04 -20.40
C LYS B 111 38.06 -5.58 -19.22
N ILE B 112 37.52 -5.44 -18.01
CA ILE B 112 38.14 -5.98 -16.76
C ILE B 112 37.81 -7.48 -16.83
N ASP B 113 38.84 -8.34 -16.78
CA ASP B 113 38.72 -9.81 -17.03
C ASP B 113 37.91 -10.53 -15.94
N GLU B 114 37.66 -9.84 -14.85
CA GLU B 114 37.03 -10.48 -13.70
C GLU B 114 35.57 -10.08 -13.52
N ASP B 115 35.13 -9.01 -14.16
CA ASP B 115 33.96 -8.26 -13.73
C ASP B 115 32.70 -8.78 -14.42
N ASP B 116 31.73 -9.25 -13.62
CA ASP B 116 30.44 -9.69 -14.14
C ASP B 116 29.31 -8.71 -13.77
N THR B 117 29.64 -7.49 -13.34
CA THR B 117 28.59 -6.60 -12.84
C THR B 117 27.45 -6.41 -13.83
N TRP B 118 27.78 -6.09 -15.10
CA TRP B 118 26.70 -5.77 -16.02
C TRP B 118 25.85 -7.00 -16.33
N TYR B 119 26.50 -8.15 -16.56
CA TYR B 119 25.77 -9.40 -16.72
C TYR B 119 24.80 -9.60 -15.55
N ASN B 120 25.29 -9.39 -14.34
CA ASN B 120 24.47 -9.69 -13.17
C ASN B 120 23.29 -8.73 -13.04
N LEU B 121 23.45 -7.50 -13.51
CA LEU B 121 22.37 -6.53 -13.46
C LEU B 121 21.35 -6.70 -14.58
N THR B 122 21.69 -7.40 -15.66
CA THR B 122 20.86 -7.51 -16.86
C THR B 122 20.55 -8.95 -17.23
N GLU B 123 20.85 -9.90 -16.36
CA GLU B 123 20.76 -11.32 -16.68
C GLU B 123 19.45 -11.67 -17.39
N PHE B 124 18.32 -11.14 -16.92
CA PHE B 124 17.03 -11.50 -17.47
C PHE B 124 16.42 -10.46 -18.38
N VAL B 125 17.15 -9.39 -18.66
CA VAL B 125 16.64 -8.26 -19.41
C VAL B 125 16.82 -8.55 -20.89
N GLN B 126 15.73 -8.47 -21.66
N GLN B 126 15.72 -8.48 -21.64
CA GLN B 126 15.74 -8.76 -23.08
CA GLN B 126 15.70 -8.74 -23.07
C GLN B 126 15.15 -7.58 -23.84
C GLN B 126 15.18 -7.51 -23.79
N MET B 127 15.82 -7.19 -24.92
CA MET B 127 15.39 -6.03 -25.69
C MET B 127 13.94 -6.17 -26.15
N ASP B 128 13.49 -7.38 -26.48
CA ASP B 128 12.11 -7.51 -26.94
C ASP B 128 11.12 -7.13 -25.84
N LYS B 129 11.45 -7.42 -24.59
CA LYS B 129 10.55 -7.01 -23.52
C LYS B 129 10.67 -5.53 -23.22
N ILE B 130 11.88 -4.96 -23.29
CA ILE B 130 12.02 -3.52 -23.16
C ILE B 130 11.12 -2.80 -24.15
N ARG B 131 11.04 -3.30 -25.39
CA ARG B 131 10.27 -2.60 -26.41
C ARG B 131 8.77 -2.69 -26.19
N LYS B 132 8.31 -3.68 -25.40
CA LYS B 132 6.90 -3.70 -25.00
C LYS B 132 6.61 -2.77 -23.83
N ILE B 133 7.56 -2.55 -22.94
CA ILE B 133 7.39 -1.55 -21.88
C ILE B 133 7.48 -0.15 -22.45
N VAL B 134 8.43 0.09 -23.37
CA VAL B 134 8.66 1.40 -23.99
C VAL B 134 8.21 1.29 -25.45
N ARG B 135 7.04 1.83 -25.77
CA ARG B 135 6.41 1.54 -27.07
C ARG B 135 6.77 2.60 -28.10
N LYS B 136 7.66 2.25 -29.04
CA LYS B 136 7.99 3.10 -30.18
C LYS B 136 8.48 2.18 -31.31
N ASP B 137 7.52 1.53 -31.96
CA ASP B 137 7.81 0.33 -32.74
C ASP B 137 8.68 0.60 -33.96
N GLU B 138 8.73 1.85 -34.43
CA GLU B 138 9.54 2.13 -35.61
C GLU B 138 11.04 2.10 -35.32
N ASN B 139 11.46 2.10 -34.06
CA ASN B 139 12.87 2.01 -33.72
C ASN B 139 13.18 0.69 -33.01
N GLN B 140 14.41 0.21 -33.19
CA GLN B 140 14.88 -1.01 -32.56
C GLN B 140 15.45 -0.77 -31.17
N PHE B 141 15.59 0.48 -30.78
CA PHE B 141 16.15 0.89 -29.51
C PHE B 141 15.07 1.71 -28.79
N SER B 142 15.23 1.90 -27.49
CA SER B 142 14.17 2.48 -26.65
C SER B 142 14.67 3.67 -25.84
N TYR B 143 13.99 4.81 -25.99
CA TYR B 143 14.30 6.02 -25.25
C TYR B 143 13.60 6.03 -23.90
N VAL B 144 14.36 6.38 -22.87
CA VAL B 144 13.84 6.58 -21.51
C VAL B 144 14.44 7.85 -20.93
N ASP B 145 13.65 8.60 -20.14
CA ASP B 145 14.19 9.75 -19.42
C ASP B 145 13.63 9.84 -17.99
N SER B 146 14.15 10.84 -17.27
CA SER B 146 13.87 11.03 -15.86
C SER B 146 12.39 11.29 -15.62
N SER B 147 11.70 11.91 -16.57
CA SER B 147 10.35 12.43 -16.33
C SER B 147 9.24 11.48 -16.76
N MET B 148 9.54 10.44 -17.52
CA MET B 148 8.50 9.59 -18.07
C MET B 148 7.72 8.93 -16.96
N THR B 149 6.39 8.97 -17.07
CA THR B 149 5.54 8.34 -16.07
C THR B 149 5.10 6.96 -16.52
N THR B 150 4.64 6.18 -15.56
CA THR B 150 4.22 4.82 -15.81
C THR B 150 2.71 4.78 -16.03
N VAL B 151 2.27 3.72 -16.71
CA VAL B 151 0.83 3.48 -16.88
C VAL B 151 0.11 3.55 -15.54
N GLN B 152 0.69 2.97 -14.49
CA GLN B 152 0.02 3.00 -13.19
C GLN B 152 -0.03 4.42 -12.63
N GLU B 153 1.06 5.17 -12.77
CA GLU B 153 1.06 6.56 -12.34
C GLU B 153 -0.02 7.36 -13.08
N ASN B 154 -0.24 7.05 -14.37
CA ASN B 154 -1.22 7.77 -15.17
C ASN B 154 -2.65 7.41 -14.81
N GLU B 155 -2.87 6.30 -14.09
CA GLU B 155 -4.21 5.94 -13.63
C GLU B 155 -4.57 6.63 -12.32
N LEU B 156 -3.58 7.12 -11.58
CA LEU B 156 -3.81 7.71 -10.26
C LEU B 156 -3.55 9.22 -10.26
N SER B 161 0.66 12.62 -18.81
CA SER B 161 -0.63 12.02 -19.12
C SER B 161 -0.66 11.51 -20.56
N ASP B 162 0.45 11.70 -21.27
CA ASP B 162 0.54 11.30 -22.68
C ASP B 162 0.85 9.82 -22.76
N PRO B 163 -0.05 8.99 -23.32
CA PRO B 163 0.18 7.53 -23.28
C PRO B 163 1.38 7.05 -24.08
N ALA B 164 1.76 7.74 -25.17
CA ALA B 164 2.80 7.22 -26.05
C ALA B 164 4.18 7.30 -25.41
N HIS B 165 4.39 8.27 -24.52
CA HIS B 165 5.65 8.50 -23.84
C HIS B 165 5.67 7.88 -22.44
N SER B 166 4.91 6.82 -22.22
CA SER B 166 4.77 6.20 -20.91
C SER B 166 5.61 4.94 -20.81
N LEU B 167 5.83 4.51 -19.58
CA LEU B 167 6.47 3.25 -19.28
C LEU B 167 5.36 2.24 -18.95
N ASN B 168 5.15 1.27 -19.82
N ASN B 168 5.19 1.24 -19.81
CA ASN B 168 4.08 0.28 -19.65
CA ASN B 168 4.12 0.25 -19.69
C ASN B 168 4.54 -0.94 -18.84
C ASN B 168 4.55 -0.94 -18.84
N TYR B 169 4.89 -0.66 -17.58
CA TYR B 169 5.22 -1.73 -16.66
C TYR B 169 3.93 -2.46 -16.31
N THR B 170 4.08 -3.70 -15.89
CA THR B 170 2.95 -4.51 -15.45
C THR B 170 2.40 -3.91 -14.15
N VAL B 171 1.10 -3.63 -14.12
CA VAL B 171 0.51 -2.97 -12.96
C VAL B 171 0.36 -3.97 -11.82
N ILE B 172 0.92 -3.60 -10.67
CA ILE B 172 0.81 -4.37 -9.44
C ILE B 172 0.10 -3.50 -8.41
N ASN B 173 -0.96 -4.05 -7.80
CA ASN B 173 -1.73 -3.25 -6.85
C ASN B 173 -2.30 -4.24 -5.84
N PHE B 174 -1.82 -4.17 -4.60
CA PHE B 174 -2.15 -5.16 -3.57
C PHE B 174 -3.59 -5.04 -3.10
N LYS B 175 -4.21 -3.90 -3.32
CA LYS B 175 -5.64 -3.70 -2.93
C LYS B 175 -6.45 -3.51 -4.20
N SER B 176 -6.56 -4.61 -4.96
CA SER B 176 -7.21 -4.64 -6.25
C SER B 176 -7.90 -5.99 -6.38
N ARG B 177 -8.98 -6.02 -7.17
CA ARG B 177 -9.64 -7.29 -7.37
C ARG B 177 -8.75 -8.30 -8.04
N GLU B 178 -7.79 -7.84 -8.86
CA GLU B 178 -6.86 -8.80 -9.46
C GLU B 178 -6.06 -9.53 -8.39
N ALA B 179 -5.71 -8.83 -7.32
CA ALA B 179 -4.87 -9.39 -6.28
C ALA B 179 -5.63 -10.18 -5.24
N ILE B 180 -6.96 -10.08 -5.19
CA ILE B 180 -7.75 -10.56 -4.05
C ILE B 180 -8.91 -11.38 -4.58
N ARG B 181 -8.89 -12.69 -4.31
CA ARG B 181 -9.98 -13.59 -4.68
C ARG B 181 -11.18 -13.35 -3.78
N PRO B 182 -12.37 -13.14 -4.34
CA PRO B 182 -13.56 -13.06 -3.49
C PRO B 182 -13.62 -14.26 -2.57
N GLY B 183 -13.85 -14.01 -1.28
CA GLY B 183 -13.86 -15.06 -0.30
C GLY B 183 -12.52 -15.44 0.29
N HIS B 184 -11.41 -14.95 -0.27
CA HIS B 184 -10.10 -15.18 0.32
C HIS B 184 -9.44 -13.87 0.72
N GLU B 185 -10.26 -12.88 1.07
CA GLU B 185 -9.75 -11.53 1.30
C GLU B 185 -8.58 -11.51 2.26
N MET B 186 -8.77 -12.05 3.47
CA MET B 186 -7.70 -11.99 4.44
C MET B 186 -6.52 -12.83 3.99
N GLU B 187 -6.82 -14.02 3.48
CA GLU B 187 -5.77 -14.94 3.05
C GLU B 187 -4.92 -14.30 1.98
N ASP B 188 -5.56 -13.75 0.95
CA ASP B 188 -4.78 -13.24 -0.19
C ASP B 188 -4.06 -11.94 0.13
N PHE B 189 -4.58 -11.13 1.06
CA PHE B 189 -3.95 -9.85 1.39
C PHE B 189 -2.72 -10.09 2.26
N LEU B 190 -2.82 -11.05 3.16
CA LEU B 190 -1.74 -11.32 4.09
C LEU B 190 -0.69 -12.27 3.52
N ASP B 191 -1.06 -13.10 2.54
CA ASP B 191 -0.14 -14.01 1.86
C ASP B 191 -0.39 -13.87 0.35
N LYS B 192 0.53 -13.19 -0.34
CA LYS B 192 0.27 -12.83 -1.72
C LYS B 192 0.63 -13.92 -2.73
N SER B 193 0.77 -15.17 -2.28
CA SER B 193 1.22 -16.25 -3.15
C SER B 193 0.30 -16.45 -4.37
N TYR B 194 -1.01 -16.34 -4.20
N TYR B 194 -1.01 -16.36 -4.16
N TYR B 194 -1.01 -16.35 -4.18
CA TYR B 194 -1.87 -16.53 -5.36
CA TYR B 194 -1.96 -16.47 -5.28
CA TYR B 194 -1.90 -16.51 -5.32
C TYR B 194 -1.68 -15.42 -6.39
C TYR B 194 -1.63 -15.43 -6.35
C TYR B 194 -1.64 -15.43 -6.37
N TYR B 195 -1.48 -14.19 -5.93
CA TYR B 195 -1.26 -13.09 -6.86
C TYR B 195 0.09 -13.24 -7.55
N LEU B 196 1.11 -13.66 -6.80
CA LEU B 196 2.43 -13.86 -7.40
C LEU B 196 2.40 -15.02 -8.40
N ASN B 197 1.95 -16.20 -7.94
CA ASN B 197 2.18 -17.41 -8.72
C ASN B 197 1.11 -17.62 -9.79
N THR B 198 -0.16 -17.43 -9.46
CA THR B 198 -1.20 -17.67 -10.45
C THR B 198 -1.42 -16.47 -11.36
N VAL B 199 -1.69 -15.29 -10.77
CA VAL B 199 -2.03 -14.12 -11.55
C VAL B 199 -0.82 -13.65 -12.35
N MET B 200 0.30 -13.42 -11.67
CA MET B 200 1.41 -12.75 -12.33
C MET B 200 2.31 -13.71 -13.10
N LEU B 201 2.81 -14.74 -12.42
CA LEU B 201 3.79 -15.63 -13.06
C LEU B 201 3.13 -16.51 -14.12
N GLN B 202 2.13 -17.31 -13.72
N GLN B 202 2.14 -17.31 -13.72
CA GLN B 202 1.45 -18.15 -14.68
CA GLN B 202 1.46 -18.15 -14.71
C GLN B 202 0.62 -17.32 -15.67
C GLN B 202 0.64 -17.30 -15.69
N GLY B 203 -0.09 -16.30 -15.15
CA GLY B 203 -0.99 -15.52 -15.99
C GLY B 203 -0.37 -14.48 -16.91
N ILE B 204 0.47 -13.61 -16.38
CA ILE B 204 0.90 -12.42 -17.10
C ILE B 204 2.32 -12.57 -17.62
N PHE B 205 3.26 -12.91 -16.73
CA PHE B 205 4.66 -12.95 -17.13
C PHE B 205 5.03 -14.25 -17.83
N LYS B 206 4.28 -15.32 -17.54
CA LYS B 206 4.50 -16.66 -18.09
C LYS B 206 5.61 -17.42 -17.36
N ASN B 207 6.71 -16.76 -16.98
CA ASN B 207 7.77 -17.42 -16.24
C ASN B 207 8.52 -16.39 -15.40
N SER B 208 9.36 -16.89 -14.51
CA SER B 208 10.06 -16.00 -13.58
C SER B 208 11.15 -15.22 -14.28
N SER B 209 11.71 -15.75 -15.37
CA SER B 209 12.69 -14.97 -16.11
C SER B 209 12.12 -13.64 -16.61
N ASN B 210 10.90 -13.62 -17.18
CA ASN B 210 10.31 -12.36 -17.61
C ASN B 210 10.01 -11.45 -16.41
N TYR B 211 9.58 -12.02 -15.28
CA TYR B 211 9.35 -11.21 -14.09
C TYR B 211 10.64 -10.55 -13.63
N PHE B 212 11.72 -11.34 -13.50
CA PHE B 212 13.01 -10.76 -13.12
C PHE B 212 13.53 -9.76 -14.15
N GLY B 213 13.24 -9.97 -15.43
CA GLY B 213 13.69 -9.01 -16.44
C GLY B 213 13.08 -7.65 -16.24
N GLU B 214 11.76 -7.62 -15.98
CA GLU B 214 11.09 -6.36 -15.73
C GLU B 214 11.57 -5.74 -14.42
N LEU B 215 11.77 -6.55 -13.37
CA LEU B 215 12.30 -6.01 -12.12
C LEU B 215 13.68 -5.38 -12.32
N GLN B 216 14.57 -6.07 -13.05
CA GLN B 216 15.90 -5.53 -13.33
C GLN B 216 15.86 -4.27 -14.18
N PHE B 217 15.00 -4.23 -15.20
CA PHE B 217 14.86 -3.04 -16.04
C PHE B 217 14.32 -1.85 -15.24
N ALA B 218 13.34 -2.08 -14.37
CA ALA B 218 12.83 -1.01 -13.53
C ALA B 218 13.93 -0.46 -12.63
N PHE B 219 14.71 -1.33 -11.99
CA PHE B 219 15.81 -0.84 -11.16
C PHE B 219 16.78 0.02 -11.96
N LEU B 220 17.17 -0.46 -13.14
CA LEU B 220 18.18 0.27 -13.91
C LEU B 220 17.66 1.64 -14.35
N ASN B 221 16.35 1.74 -14.67
CA ASN B 221 15.78 3.03 -15.04
CA ASN B 221 15.77 3.03 -15.03
C ASN B 221 15.72 3.96 -13.82
N ALA B 222 15.40 3.39 -12.64
CA ALA B 222 15.44 4.17 -11.41
C ALA B 222 16.84 4.72 -11.15
N MET B 223 17.86 3.87 -11.29
CA MET B 223 19.21 4.25 -10.94
C MET B 223 19.79 5.22 -11.96
N PHE B 224 19.65 4.92 -13.24
CA PHE B 224 20.35 5.73 -14.23
C PHE B 224 19.61 7.02 -14.55
N PHE B 225 18.28 7.05 -14.42
CA PHE B 225 17.53 8.26 -14.80
C PHE B 225 16.82 8.90 -13.62
N GLY B 226 16.91 8.32 -12.44
CA GLY B 226 16.13 8.84 -11.32
C GLY B 226 14.66 8.77 -11.61
N ASN B 227 14.22 7.79 -12.38
CA ASN B 227 12.84 7.68 -12.79
C ASN B 227 12.02 7.14 -11.62
N TYR B 228 11.13 7.99 -11.08
CA TYR B 228 10.44 7.66 -9.84
C TYR B 228 9.47 6.51 -10.02
N GLY B 229 8.71 6.49 -11.11
CA GLY B 229 7.79 5.39 -11.33
C GLY B 229 8.47 4.04 -11.49
N SER B 230 9.67 4.06 -12.06
CA SER B 230 10.46 2.84 -12.14
C SER B 230 10.90 2.36 -10.75
N SER B 231 11.28 3.28 -9.87
CA SER B 231 11.61 2.88 -8.52
C SER B 231 10.40 2.24 -7.82
N LEU B 232 9.23 2.85 -7.98
CA LEU B 232 8.01 2.25 -7.42
C LEU B 232 7.80 0.83 -7.93
N GLN B 233 7.99 0.62 -9.24
CA GLN B 233 7.78 -0.69 -9.82
C GLN B 233 8.76 -1.70 -9.23
N TRP B 234 10.05 -1.34 -9.18
CA TRP B 234 11.08 -2.22 -8.62
C TRP B 234 10.70 -2.67 -7.21
N HIS B 235 10.35 -1.69 -6.34
CA HIS B 235 9.97 -2.06 -4.98
C HIS B 235 8.71 -2.91 -4.95
N ALA B 236 7.73 -2.62 -5.80
CA ALA B 236 6.51 -3.41 -5.79
C ALA B 236 6.79 -4.85 -6.17
N MET B 237 7.70 -5.04 -7.14
CA MET B 237 7.98 -6.41 -7.57
C MET B 237 8.78 -7.19 -6.53
N ILE B 238 9.59 -6.50 -5.75
CA ILE B 238 10.26 -7.12 -4.63
C ILE B 238 9.25 -7.49 -3.56
N GLU B 239 8.42 -6.53 -3.19
CA GLU B 239 7.47 -6.73 -2.10
C GLU B 239 6.50 -7.86 -2.43
N LEU B 240 6.11 -7.98 -3.69
CA LEU B 240 5.18 -9.07 -4.04
C LEU B 240 5.79 -10.44 -3.76
N ILE B 241 7.09 -10.63 -4.06
CA ILE B 241 7.72 -11.89 -3.73
C ILE B 241 7.90 -12.05 -2.22
N CYS B 242 8.39 -11.03 -1.53
CA CYS B 242 8.70 -11.19 -0.11
C CYS B 242 7.43 -11.45 0.70
N SER B 243 6.31 -10.92 0.25
CA SER B 243 5.01 -11.05 0.91
C SER B 243 4.23 -12.29 0.51
N SER B 244 4.88 -13.21 -0.21
CA SER B 244 4.32 -14.50 -0.56
C SER B 244 4.97 -15.58 0.31
N ALA B 245 4.12 -16.38 0.97
CA ALA B 245 4.64 -17.49 1.74
C ALA B 245 5.14 -18.63 0.86
N THR B 246 4.61 -18.78 -0.36
CA THR B 246 4.94 -19.90 -1.22
C THR B 246 5.60 -19.36 -2.48
N VAL B 247 6.92 -19.50 -2.54
CA VAL B 247 7.72 -19.04 -3.68
C VAL B 247 8.66 -20.17 -4.07
N PRO B 248 8.77 -20.50 -5.35
CA PRO B 248 9.75 -21.51 -5.78
C PRO B 248 11.16 -21.19 -5.27
N LYS B 249 11.86 -22.24 -4.81
CA LYS B 249 13.13 -22.06 -4.14
C LYS B 249 14.16 -21.43 -5.05
N HIS B 250 14.13 -21.80 -6.34
CA HIS B 250 15.07 -21.22 -7.27
C HIS B 250 14.82 -19.74 -7.48
N MET B 251 13.56 -19.29 -7.37
CA MET B 251 13.29 -17.87 -7.53
C MET B 251 13.85 -17.08 -6.36
N LEU B 252 13.68 -17.58 -5.14
CA LEU B 252 14.22 -16.89 -3.97
C LEU B 252 15.74 -16.79 -4.07
N ASP B 253 16.39 -17.89 -4.43
CA ASP B 253 17.84 -17.86 -4.54
C ASP B 253 18.28 -16.88 -5.61
N LYS B 254 17.58 -16.86 -6.74
CA LYS B 254 17.93 -15.91 -7.79
C LYS B 254 17.61 -14.48 -7.36
N LEU B 255 16.48 -14.24 -6.67
CA LEU B 255 16.19 -12.88 -6.23
C LEU B 255 17.29 -12.36 -5.32
N ASP B 256 17.79 -13.22 -4.42
CA ASP B 256 18.85 -12.78 -3.52
C ASP B 256 20.06 -12.30 -4.31
N GLU B 257 20.44 -13.03 -5.39
CA GLU B 257 21.58 -12.60 -6.21
C GLU B 257 21.28 -11.30 -6.95
N ILE B 258 20.06 -11.19 -7.50
CA ILE B 258 19.69 -10.00 -8.25
C ILE B 258 19.80 -8.76 -7.36
N LEU B 259 19.19 -8.83 -6.19
CA LEU B 259 19.15 -7.66 -5.32
C LEU B 259 20.53 -7.36 -4.75
N TYR B 260 21.31 -8.41 -4.45
CA TYR B 260 22.67 -8.18 -3.98
C TYR B 260 23.43 -7.29 -4.94
N TYR B 261 23.39 -7.62 -6.23
CA TYR B 261 24.16 -6.84 -7.21
C TYR B 261 23.58 -5.44 -7.42
N GLN B 262 22.26 -5.29 -7.27
CA GLN B 262 21.67 -3.98 -7.39
C GLN B 262 22.11 -3.11 -6.23
N ILE B 263 22.07 -3.64 -5.02
CA ILE B 263 22.48 -2.86 -3.85
C ILE B 263 23.97 -2.55 -3.93
N LYS B 264 24.76 -3.51 -4.44
CA LYS B 264 26.19 -3.27 -4.59
C LYS B 264 26.50 -2.12 -5.54
N THR B 265 25.73 -1.99 -6.63
CA THR B 265 26.00 -1.00 -7.65
C THR B 265 25.44 0.37 -7.31
N LEU B 266 24.40 0.42 -6.48
CA LEU B 266 23.74 1.69 -6.16
C LEU B 266 24.76 2.68 -5.62
N PRO B 267 24.80 3.91 -6.12
CA PRO B 267 25.70 4.90 -5.53
C PRO B 267 25.33 5.13 -4.08
N GLU B 268 26.36 5.23 -3.23
CA GLU B 268 26.13 5.34 -1.80
C GLU B 268 25.32 6.59 -1.48
N GLN B 269 25.55 7.67 -2.22
CA GLN B 269 24.89 8.94 -1.96
C GLN B 269 23.43 8.98 -2.44
N TYR B 270 22.98 8.02 -3.24
CA TYR B 270 21.61 8.00 -3.74
C TYR B 270 20.70 7.07 -2.94
N SER B 271 21.22 6.42 -1.90
CA SER B 271 20.40 5.47 -1.16
C SER B 271 19.19 6.14 -0.54
N ASP B 272 19.33 7.41 -0.13
CA ASP B 272 18.22 8.11 0.53
C ASP B 272 16.98 8.14 -0.35
N ILE B 273 17.15 8.33 -1.67
CA ILE B 273 16.03 8.55 -2.56
C ILE B 273 15.66 7.29 -3.35
N LEU B 274 16.60 6.36 -3.55
CA LEU B 274 16.32 5.17 -4.35
C LEU B 274 15.90 3.96 -3.52
N LEU B 275 15.92 4.02 -2.19
CA LEU B 275 15.54 2.88 -1.37
C LEU B 275 14.38 3.28 -0.47
N ASN B 276 13.33 2.46 -0.47
CA ASN B 276 12.14 2.71 0.34
C ASN B 276 12.30 2.00 1.67
N GLU B 277 12.45 2.78 2.74
CA GLU B 277 12.66 2.21 4.06
C GLU B 277 11.62 1.17 4.42
N ARG B 278 10.34 1.47 4.17
CA ARG B 278 9.29 0.53 4.60
C ARG B 278 9.43 -0.81 3.91
N VAL B 279 9.58 -0.81 2.59
CA VAL B 279 9.64 -2.06 1.85
C VAL B 279 10.82 -2.90 2.32
N TRP B 280 11.99 -2.29 2.47
CA TRP B 280 13.19 -3.08 2.76
C TRP B 280 13.15 -3.62 4.19
N ASN B 281 12.66 -2.82 5.14
CA ASN B 281 12.54 -3.35 6.50
C ASN B 281 11.53 -4.47 6.57
N ILE B 282 10.36 -4.27 5.94
CA ILE B 282 9.37 -5.34 5.87
C ILE B 282 9.97 -6.57 5.21
N CYS B 283 10.68 -6.39 4.09
CA CYS B 283 11.14 -7.55 3.32
C CYS B 283 12.22 -8.33 4.06
N LEU B 284 13.18 -7.63 4.68
CA LEU B 284 14.28 -8.31 5.34
C LEU B 284 13.97 -8.77 6.74
N TYR B 285 12.98 -8.19 7.42
CA TYR B 285 12.80 -8.45 8.85
C TYR B 285 11.40 -8.90 9.25
N SER B 286 10.38 -8.72 8.42
CA SER B 286 9.00 -9.07 8.79
C SER B 286 8.34 -10.06 7.85
N SER B 287 8.76 -10.13 6.60
CA SER B 287 8.04 -10.87 5.57
C SER B 287 8.26 -12.38 5.70
N PHE B 288 7.49 -13.11 4.91
CA PHE B 288 7.67 -14.55 4.84
C PHE B 288 9.09 -14.90 4.47
N GLN B 289 9.74 -14.04 3.68
CA GLN B 289 11.06 -14.33 3.12
C GLN B 289 12.18 -13.63 3.88
N LYS B 290 11.90 -13.20 5.12
CA LYS B 290 12.87 -12.49 5.94
C LYS B 290 14.18 -13.27 6.10
N ASN B 291 14.13 -14.60 6.01
CA ASN B 291 15.30 -15.44 6.23
C ASN B 291 15.82 -16.06 4.95
N SER B 292 15.33 -15.61 3.80
CA SER B 292 15.63 -16.23 2.53
C SER B 292 16.56 -15.39 1.65
N LEU B 293 16.97 -14.22 2.12
CA LEU B 293 17.74 -13.32 1.26
C LEU B 293 19.05 -13.01 1.97
N HIS B 294 19.87 -14.03 2.17
CA HIS B 294 21.06 -13.87 3.02
C HIS B 294 22.04 -12.89 2.44
N ASN B 295 22.33 -12.99 1.14
CA ASN B 295 23.33 -12.11 0.55
C ASN B 295 22.87 -10.66 0.56
N THR B 296 21.59 -10.44 0.25
CA THR B 296 21.03 -9.10 0.22
C THR B 296 20.99 -8.51 1.61
N GLU B 297 20.57 -9.30 2.61
CA GLU B 297 20.52 -8.78 3.98
C GLU B 297 21.93 -8.42 4.45
N LYS B 298 22.92 -9.22 4.12
CA LYS B 298 24.27 -8.91 4.56
C LYS B 298 24.80 -7.64 3.94
N ILE B 299 24.62 -7.43 2.63
CA ILE B 299 25.16 -6.22 2.01
C ILE B 299 24.38 -4.99 2.47
N MET B 300 23.06 -5.12 2.63
CA MET B 300 22.27 -3.99 3.14
C MET B 300 22.71 -3.58 4.53
N GLU B 301 22.86 -4.55 5.45
CA GLU B 301 23.27 -4.21 6.81
C GLU B 301 24.67 -3.60 6.86
N ASN B 302 25.56 -3.92 5.93
CA ASN B 302 26.91 -3.37 5.95
C ASN B 302 27.05 -2.08 5.16
N LYS B 303 26.16 -1.83 4.21
CA LYS B 303 26.26 -0.64 3.37
C LYS B 303 25.26 0.45 3.74
N TYR B 304 24.08 0.07 4.22
CA TYR B 304 23.03 1.05 4.51
C TYR B 304 22.33 0.70 5.82
N PRO B 305 23.09 0.56 6.92
CA PRO B 305 22.44 0.22 8.20
C PRO B 305 21.53 1.31 8.74
N GLU B 306 21.67 2.55 8.23
CA GLU B 306 20.83 3.66 8.68
C GLU B 306 19.38 3.44 8.27
N LEU B 307 19.17 3.16 6.98
CA LEU B 307 17.83 2.88 6.48
C LEU B 307 17.11 1.83 7.33
N LEU B 308 17.85 0.90 7.91
CA LEU B 308 17.23 -0.20 8.64
C LEU B 308 17.22 0.04 10.14
N1 VX5 C . 39.23 1.81 -14.12
C7 VX5 C . 37.17 2.22 -15.49
C8 VX5 C . 36.32 1.30 -14.61
C9 VX5 C . 37.18 0.53 -13.63
C1 VX5 C . 36.10 6.33 -19.91
C5 VX5 C . 34.25 4.72 -20.14
C6 VX5 C . 36.33 3.30 -16.10
C4 VX5 C . 34.95 3.76 -19.17
C3 VX5 C . 35.84 4.50 -18.20
C2 VX5 C . 36.82 5.40 -18.93
O VX5 C . 35.48 3.91 -15.45
N VX5 C . 36.58 3.53 -17.39
C VX5 C . 35.27 5.54 -20.88
C11 VX5 C . 38.30 2.84 -14.66
C10 VX5 C . 38.61 0.44 -14.12
#